data_8VUD
#
_entry.id   8VUD
#
_cell.length_a   124.388
_cell.length_b   124.388
_cell.length_c   64.011
_cell.angle_alpha   90.00
_cell.angle_beta   90.00
_cell.angle_gamma   120.00
#
_symmetry.space_group_name_H-M   'P 6'
#
loop_
_entity.id
_entity.type
_entity.pdbx_description
1 polymer 'DNA dC->dU-editing enzyme APOBEC-3F'
2 non-polymer 'ZINC ION'
3 water water
#
_entity_poly.entity_id   1
_entity_poly.type   'polypeptide(L)'
_entity_poly.pdbx_seq_one_letter_code
;GPGGSGGMKPHFRNTVERMDRDTFSYNFYNEPILARRNTVWLCYEVKTKGPSRPRLDAKIFRGQVYSQPEHHAEMCFLSW
FCGNQLPADKCFQITWFVSWTPCPDCVAKLAEFLAEHPNVTLTISAARLYYYSERDYRRALCRLSQAGARVKIMDDEEFA
YCWENFVDSEGQPFMPWYKFDDNYAFLHRTLKEILRN
;
_entity_poly.pdbx_strand_id   A,B
#
# COMPACT_ATOMS: atom_id res chain seq x y z
N ARG A 13 0.43 -14.99 -22.53
CA ARG A 13 -0.29 -14.18 -21.54
C ARG A 13 0.04 -14.56 -20.08
N ASN A 14 0.53 -15.77 -19.87
CA ASN A 14 1.00 -16.19 -18.55
C ASN A 14 2.05 -17.26 -18.81
N THR A 15 3.31 -16.99 -18.46
CA THR A 15 4.39 -17.96 -18.62
C THR A 15 5.12 -18.21 -17.30
N VAL A 16 4.41 -17.98 -16.19
CA VAL A 16 4.96 -18.19 -14.85
C VAL A 16 5.40 -19.63 -14.70
N GLU A 17 6.61 -19.84 -14.20
CA GLU A 17 7.04 -21.12 -13.65
C GLU A 17 7.24 -20.87 -12.16
N ARG A 18 6.35 -21.42 -11.35
CA ARG A 18 6.35 -21.13 -9.92
C ARG A 18 7.58 -21.71 -9.26
N MET A 19 8.20 -20.91 -8.39
CA MET A 19 9.40 -21.35 -7.69
C MET A 19 9.02 -22.12 -6.43
N ASP A 20 9.99 -22.79 -5.86
CA ASP A 20 9.80 -23.44 -4.58
C ASP A 20 9.66 -22.41 -3.47
N ARG A 21 9.03 -22.82 -2.39
CA ARG A 21 8.87 -21.95 -1.23
C ARG A 21 10.23 -21.55 -0.69
N ASP A 22 11.14 -22.52 -0.55
CA ASP A 22 12.46 -22.21 -0.02
C ASP A 22 13.27 -21.39 -1.02
N THR A 23 13.10 -21.63 -2.31
CA THR A 23 13.73 -20.75 -3.26
C THR A 23 13.24 -19.32 -3.09
N PHE A 24 11.93 -19.16 -2.81
CA PHE A 24 11.40 -17.81 -2.65
C PHE A 24 12.01 -17.12 -1.43
N SER A 25 12.05 -17.84 -0.30
CA SER A 25 12.63 -17.25 0.90
C SER A 25 14.11 -17.01 0.75
N TYR A 26 14.81 -17.82 -0.03
CA TYR A 26 16.22 -17.54 -0.25
C TYR A 26 16.41 -16.29 -1.10
N ASN A 27 15.69 -16.16 -2.22
CA ASN A 27 16.02 -15.07 -3.12
C ASN A 27 15.28 -13.77 -2.79
N PHE A 28 14.45 -13.77 -1.75
CA PHE A 28 13.77 -12.52 -1.43
C PHE A 28 13.94 -12.19 0.02
N TYR A 29 14.94 -12.83 0.67
CA TYR A 29 15.36 -12.44 2.01
C TYR A 29 15.66 -10.94 2.04
N ASN A 30 15.46 -10.30 3.20
CA ASN A 30 15.59 -8.84 3.23
C ASN A 30 16.45 -8.35 4.38
N GLU A 31 17.41 -9.13 4.83
CA GLU A 31 18.35 -8.57 5.80
C GLU A 31 19.17 -7.47 5.13
N PRO A 32 19.18 -6.23 5.64
CA PRO A 32 19.78 -5.09 4.92
C PRO A 32 21.31 -5.02 5.06
N ILE A 33 21.98 -6.02 4.52
CA ILE A 33 23.43 -6.10 4.53
C ILE A 33 23.96 -5.12 3.47
N LEU A 34 25.27 -4.90 3.48
CA LEU A 34 25.96 -4.13 2.46
C LEU A 34 26.58 -5.11 1.50
N ALA A 35 26.09 -5.13 0.25
CA ALA A 35 26.59 -6.07 -0.72
C ALA A 35 26.33 -5.57 -2.13
N ARG A 36 27.15 -6.03 -3.07
CA ARG A 36 26.96 -5.84 -4.51
C ARG A 36 26.58 -7.20 -5.08
N ARG A 37 25.29 -7.48 -5.15
CA ARG A 37 24.83 -8.67 -5.83
C ARG A 37 23.71 -8.33 -6.80
N ASN A 38 23.39 -9.31 -7.64
CA ASN A 38 22.44 -9.15 -8.72
C ASN A 38 21.41 -10.26 -8.71
N THR A 39 20.16 -9.87 -8.89
CA THR A 39 19.07 -10.81 -8.73
C THR A 39 19.21 -11.96 -9.73
N VAL A 40 18.82 -13.16 -9.30
CA VAL A 40 18.74 -14.31 -10.20
C VAL A 40 17.38 -14.41 -10.85
N TRP A 41 16.33 -14.32 -10.04
CA TRP A 41 14.95 -14.31 -10.50
C TRP A 41 14.46 -12.89 -10.69
N LEU A 42 13.69 -12.68 -11.74
CA LEU A 42 13.01 -11.41 -11.92
C LEU A 42 11.60 -11.78 -12.31
N CYS A 43 10.66 -11.60 -11.38
CA CYS A 43 9.25 -11.87 -11.64
C CYS A 43 8.59 -10.59 -12.13
N TYR A 44 7.77 -10.67 -13.18
CA TYR A 44 7.26 -9.46 -13.81
C TYR A 44 5.79 -9.61 -14.17
N GLU A 45 5.13 -8.46 -14.21
CA GLU A 45 3.77 -8.27 -14.72
C GLU A 45 3.76 -7.10 -15.71
N VAL A 46 3.01 -7.24 -16.81
CA VAL A 46 2.83 -6.20 -17.81
C VAL A 46 1.34 -5.93 -17.98
N LYS A 47 0.93 -4.67 -17.71
CA LYS A 47 -0.41 -4.12 -17.89
C LYS A 47 -0.46 -3.19 -19.11
N THR A 48 -1.59 -3.14 -19.81
CA THR A 48 -1.69 -2.25 -20.97
C THR A 48 -2.15 -0.87 -20.54
N LYS A 49 -3.34 -0.46 -21.01
CA LYS A 49 -3.98 0.87 -20.98
C LYS A 49 -4.13 1.42 -22.40
N GLY A 50 -3.62 2.63 -22.65
CA GLY A 50 -3.69 3.21 -23.97
C GLY A 50 -3.32 4.68 -24.08
N PRO A 51 -4.33 5.57 -24.08
CA PRO A 51 -4.06 6.99 -24.40
C PRO A 51 -3.04 7.73 -23.50
N SER A 52 -3.11 7.68 -22.17
CA SER A 52 -3.95 6.82 -21.34
C SER A 52 -5.19 7.51 -20.78
N ARG A 53 -6.25 6.72 -20.55
CA ARG A 53 -7.55 6.95 -19.94
C ARG A 53 -7.54 6.54 -18.48
N PRO A 54 -8.13 7.33 -17.59
CA PRO A 54 -8.17 6.97 -16.17
C PRO A 54 -8.77 5.57 -15.94
N ARG A 55 -8.47 5.00 -14.77
CA ARG A 55 -8.85 3.65 -14.37
C ARG A 55 -8.04 2.61 -15.13
N LEU A 56 -7.39 1.72 -14.38
CA LEU A 56 -6.64 0.57 -14.87
C LEU A 56 -7.61 -0.61 -15.03
N ASP A 57 -7.22 -1.63 -15.83
CA ASP A 57 -5.93 -1.82 -16.49
C ASP A 57 -6.02 -2.70 -17.76
N ALA A 58 -6.26 -4.01 -17.52
CA ALA A 58 -6.22 -5.15 -18.45
C ALA A 58 -4.81 -5.75 -18.49
N LYS A 59 -4.60 -6.90 -17.83
CA LYS A 59 -3.30 -7.54 -17.88
C LYS A 59 -3.11 -8.23 -19.22
N ILE A 60 -1.89 -8.16 -19.72
CA ILE A 60 -1.51 -8.87 -20.93
C ILE A 60 -0.33 -9.82 -20.70
N PHE A 61 0.46 -9.68 -19.62
CA PHE A 61 1.58 -10.59 -19.43
C PHE A 61 1.92 -10.77 -17.95
N ARG A 62 2.37 -11.97 -17.63
CA ARG A 62 2.96 -12.23 -16.32
C ARG A 62 3.89 -13.42 -16.47
N GLY A 63 5.09 -13.31 -15.90
CA GLY A 63 6.12 -14.31 -16.12
C GLY A 63 7.38 -14.00 -15.33
N GLN A 64 8.53 -14.50 -15.82
CA GLN A 64 9.78 -14.23 -15.14
C GLN A 64 10.95 -14.41 -16.11
N VAL A 65 12.08 -13.78 -15.77
CA VAL A 65 13.32 -14.03 -16.49
C VAL A 65 14.43 -14.27 -15.48
N TYR A 66 15.51 -14.86 -15.97
CA TYR A 66 16.63 -15.32 -15.17
C TYR A 66 17.94 -14.71 -15.66
N SER A 67 18.82 -14.39 -14.72
CA SER A 67 20.17 -14.00 -15.10
C SER A 67 20.83 -15.11 -15.91
N GLN A 68 21.71 -14.72 -16.79
CA GLN A 68 22.45 -15.65 -17.61
C GLN A 68 23.92 -15.34 -17.39
N PRO A 69 24.83 -16.23 -17.83
CA PRO A 69 26.25 -16.06 -17.49
C PRO A 69 26.80 -14.69 -17.78
N GLU A 70 26.36 -14.04 -18.84
CA GLU A 70 26.91 -12.74 -19.19
C GLU A 70 25.82 -11.69 -19.35
N HIS A 71 24.74 -11.80 -18.56
CA HIS A 71 23.63 -10.84 -18.70
C HIS A 71 22.84 -10.82 -17.41
N HIS A 72 22.79 -9.65 -16.77
CA HIS A 72 21.97 -9.53 -15.59
C HIS A 72 20.51 -9.65 -15.99
N ALA A 73 19.69 -10.06 -15.00
CA ALA A 73 18.27 -10.35 -15.27
C ALA A 73 17.55 -9.14 -15.88
N GLU A 74 17.83 -7.93 -15.36
CA GLU A 74 17.22 -6.72 -15.91
C GLU A 74 17.43 -6.60 -17.44
N MET A 75 18.65 -6.93 -17.92
CA MET A 75 18.91 -6.81 -19.36
C MET A 75 18.24 -7.93 -20.15
N CYS A 76 18.21 -9.16 -19.63
CA CYS A 76 17.41 -10.20 -20.27
C CYS A 76 15.95 -9.77 -20.39
N PHE A 77 15.42 -9.07 -19.38
CA PHE A 77 14.04 -8.60 -19.48
C PHE A 77 13.89 -7.59 -20.61
N LEU A 78 14.75 -6.57 -20.64
CA LEU A 78 14.64 -5.62 -21.77
C LEU A 78 14.73 -6.35 -23.11
N SER A 79 15.63 -7.32 -23.21
CA SER A 79 15.73 -8.13 -24.42
C SER A 79 14.39 -8.77 -24.80
N TRP A 80 13.81 -9.56 -23.87
CA TRP A 80 12.52 -10.21 -24.12
C TRP A 80 11.43 -9.20 -24.46
N PHE A 81 11.37 -8.09 -23.73
CA PHE A 81 10.30 -7.12 -23.90
C PHE A 81 10.37 -6.46 -25.26
N CYS A 82 11.56 -6.08 -25.71
CA CYS A 82 11.70 -5.47 -27.03
C CYS A 82 11.57 -6.50 -28.14
N GLY A 83 11.73 -7.79 -27.83
CA GLY A 83 11.37 -8.79 -28.82
C GLY A 83 9.88 -9.03 -28.94
N ASN A 84 9.14 -8.71 -27.87
CA ASN A 84 7.69 -8.73 -27.95
C ASN A 84 7.16 -7.47 -28.62
N GLN A 85 7.56 -6.30 -28.10
CA GLN A 85 6.66 -5.17 -27.99
C GLN A 85 6.18 -4.77 -29.37
N LEU A 86 4.94 -4.31 -29.41
CA LEU A 86 4.42 -3.90 -30.69
C LEU A 86 3.70 -2.55 -30.53
N PRO A 87 2.45 -2.51 -30.00
CA PRO A 87 1.64 -1.29 -30.21
C PRO A 87 2.18 -0.04 -29.55
N ALA A 88 2.87 0.79 -30.34
CA ALA A 88 3.35 2.12 -29.95
C ALA A 88 2.22 3.10 -29.66
N ASP A 89 0.97 2.70 -29.88
CA ASP A 89 -0.21 3.49 -29.59
C ASP A 89 -0.84 3.13 -28.25
N LYS A 90 -0.32 2.12 -27.55
CA LYS A 90 -0.70 1.86 -26.17
C LYS A 90 0.45 2.21 -25.23
N CYS A 91 0.10 2.34 -23.97
CA CYS A 91 1.08 2.62 -22.94
C CYS A 91 1.17 1.40 -22.03
N PHE A 92 2.38 1.06 -21.63
CA PHE A 92 2.65 -0.16 -20.88
C PHE A 92 3.10 0.23 -19.48
N GLN A 93 2.58 -0.50 -18.49
CA GLN A 93 2.98 -0.33 -17.10
C GLN A 93 3.54 -1.67 -16.63
N ILE A 94 4.82 -1.68 -16.29
CA ILE A 94 5.57 -2.91 -15.98
C ILE A 94 5.89 -2.90 -14.49
N THR A 95 5.75 -4.06 -13.86
CA THR A 95 6.13 -4.25 -12.47
C THR A 95 7.12 -5.40 -12.39
N TRP A 96 8.18 -5.19 -11.60
CA TRP A 96 9.21 -6.19 -11.30
C TRP A 96 9.25 -6.49 -9.81
N PHE A 97 9.46 -7.74 -9.48
CA PHE A 97 9.87 -8.15 -8.14
C PHE A 97 11.25 -8.78 -8.31
N VAL A 98 12.23 -8.20 -7.62
CA VAL A 98 13.65 -8.52 -7.75
C VAL A 98 14.28 -8.65 -6.36
N SER A 99 15.39 -9.40 -6.31
CA SER A 99 16.09 -9.55 -5.04
C SER A 99 16.82 -8.28 -4.62
N TRP A 100 17.31 -7.48 -5.57
CA TRP A 100 18.08 -6.30 -5.24
C TRP A 100 17.69 -5.20 -6.19
N THR A 101 17.77 -3.94 -5.72
CA THR A 101 17.75 -2.82 -6.63
C THR A 101 18.92 -2.99 -7.59
N PRO A 102 18.82 -2.49 -8.81
CA PRO A 102 19.79 -2.88 -9.84
C PRO A 102 21.14 -2.19 -9.69
N CYS A 103 22.15 -2.86 -10.22
CA CYS A 103 23.40 -2.32 -10.73
C CYS A 103 23.46 -0.83 -10.98
N PRO A 104 24.62 -0.21 -10.83
CA PRO A 104 24.87 1.02 -11.61
C PRO A 104 24.83 0.81 -13.13
N ASP A 105 25.45 -0.25 -13.64
CA ASP A 105 25.39 -0.51 -15.08
C ASP A 105 23.95 -0.64 -15.55
N CYS A 106 23.17 -1.49 -14.85
CA CYS A 106 21.77 -1.68 -15.22
C CYS A 106 20.96 -0.41 -15.01
N VAL A 107 21.23 0.35 -13.94
CA VAL A 107 20.54 1.63 -13.78
C VAL A 107 20.73 2.50 -15.01
N ALA A 108 21.98 2.65 -15.45
CA ALA A 108 22.25 3.43 -16.65
C ALA A 108 21.46 2.88 -17.85
N LYS A 109 21.51 1.56 -18.07
CA LYS A 109 20.87 1.00 -19.27
C LYS A 109 19.34 1.08 -19.18
N LEU A 110 18.80 1.05 -17.97
CA LEU A 110 17.36 1.21 -17.81
C LEU A 110 16.94 2.65 -18.10
N ALA A 111 17.74 3.63 -17.65
CA ALA A 111 17.45 5.01 -18.02
C ALA A 111 17.46 5.17 -19.54
N GLU A 112 18.43 4.51 -20.19
CA GLU A 112 18.46 4.50 -21.66
C GLU A 112 17.17 3.91 -22.24
N PHE A 113 16.77 2.72 -21.76
CA PHE A 113 15.57 2.06 -22.28
C PHE A 113 14.36 2.96 -22.13
N LEU A 114 14.18 3.53 -20.92
CA LEU A 114 13.05 4.40 -20.65
C LEU A 114 13.07 5.64 -21.55
N ALA A 115 14.26 6.13 -21.89
CA ALA A 115 14.29 7.26 -22.82
C ALA A 115 13.95 6.82 -24.23
N GLU A 116 14.26 5.56 -24.61
CA GLU A 116 13.91 5.10 -25.95
C GLU A 116 12.47 4.66 -26.04
N HIS A 117 11.82 4.31 -24.93
CA HIS A 117 10.45 3.80 -24.94
C HIS A 117 9.62 4.64 -23.97
N PRO A 118 9.34 5.89 -24.33
CA PRO A 118 8.55 6.76 -23.43
C PRO A 118 7.11 6.29 -23.19
N ASN A 119 6.53 5.42 -24.03
CA ASN A 119 5.23 4.85 -23.68
C ASN A 119 5.29 3.88 -22.49
N VAL A 120 6.48 3.53 -22.00
CA VAL A 120 6.63 2.53 -20.94
C VAL A 120 6.94 3.22 -19.61
N THR A 121 6.33 2.74 -18.52
CA THR A 121 6.77 3.09 -17.16
C THR A 121 6.97 1.81 -16.35
N LEU A 122 7.94 1.86 -15.43
CA LEU A 122 8.45 0.68 -14.73
C LEU A 122 8.44 0.89 -13.22
N THR A 123 7.92 -0.08 -12.48
CA THR A 123 7.98 -0.06 -11.02
C THR A 123 8.90 -1.20 -10.56
N ILE A 124 9.97 -0.87 -9.85
CA ILE A 124 10.89 -1.87 -9.34
C ILE A 124 10.65 -2.02 -7.84
N SER A 125 10.24 -3.21 -7.46
CA SER A 125 10.02 -3.57 -6.07
C SER A 125 11.10 -4.56 -5.70
N ALA A 126 11.96 -4.15 -4.76
CA ALA A 126 13.14 -4.92 -4.42
C ALA A 126 13.05 -5.42 -2.97
N ALA A 127 13.50 -6.64 -2.73
CA ALA A 127 13.52 -7.08 -1.34
C ALA A 127 14.51 -6.26 -0.51
N ARG A 128 15.69 -5.95 -1.05
CA ARG A 128 16.60 -5.07 -0.34
C ARG A 128 17.47 -4.29 -1.31
N LEU A 129 18.34 -3.46 -0.75
CA LEU A 129 19.06 -2.43 -1.48
C LEU A 129 20.43 -2.96 -1.93
N TYR A 130 20.80 -2.63 -3.16
CA TYR A 130 22.18 -2.78 -3.59
C TYR A 130 23.03 -1.78 -2.81
N TYR A 131 24.30 -2.15 -2.53
CA TYR A 131 25.23 -1.37 -1.69
C TYR A 131 24.77 0.07 -1.40
N TYR A 132 23.98 0.25 -0.33
CA TYR A 132 23.24 1.49 -0.11
C TYR A 132 24.07 2.65 0.43
N SER A 133 25.38 2.49 0.68
CA SER A 133 26.16 3.54 1.29
C SER A 133 27.20 4.16 0.35
N GLU A 134 27.23 3.75 -0.93
CA GLU A 134 27.97 4.45 -1.97
C GLU A 134 27.12 5.61 -2.49
N ARG A 135 27.64 6.84 -2.42
CA ARG A 135 26.79 7.99 -2.75
C ARG A 135 26.48 8.05 -4.23
N ASP A 136 27.43 7.68 -5.10
CA ASP A 136 27.11 7.74 -6.53
C ASP A 136 26.03 6.72 -6.86
N TYR A 137 25.98 5.60 -6.14
CA TYR A 137 24.87 4.69 -6.38
C TYR A 137 23.55 5.31 -5.95
N ARG A 138 23.52 5.91 -4.74
CA ARG A 138 22.29 6.51 -4.24
C ARG A 138 21.78 7.59 -5.19
N ARG A 139 22.67 8.49 -5.64
CA ARG A 139 22.20 9.55 -6.52
C ARG A 139 21.81 9.00 -7.90
N ALA A 140 22.47 7.93 -8.38
CA ALA A 140 22.05 7.31 -9.63
C ALA A 140 20.65 6.71 -9.52
N LEU A 141 20.36 6.02 -8.42
CA LEU A 141 19.03 5.45 -8.21
C LEU A 141 17.98 6.55 -8.09
N CYS A 142 18.33 7.65 -7.43
CA CYS A 142 17.44 8.78 -7.34
C CYS A 142 17.09 9.29 -8.72
N ARG A 143 18.13 9.50 -9.55
CA ARG A 143 17.92 9.99 -10.90
C ARG A 143 17.04 9.04 -11.69
N LEU A 144 17.24 7.73 -11.52
CA LEU A 144 16.38 6.77 -12.21
C LEU A 144 14.94 6.88 -11.74
N SER A 145 14.72 7.07 -10.43
CA SER A 145 13.36 7.15 -9.93
C SER A 145 12.62 8.38 -10.45
N GLN A 146 13.32 9.42 -10.92
CA GLN A 146 12.58 10.48 -11.61
C GLN A 146 12.59 10.35 -13.13
N ALA A 147 13.28 9.37 -13.70
CA ALA A 147 13.41 9.19 -15.15
C ALA A 147 12.36 8.28 -15.78
N GLY A 148 11.28 7.97 -15.07
CA GLY A 148 10.23 7.08 -15.57
C GLY A 148 10.16 5.72 -14.87
N ALA A 149 10.93 5.51 -13.81
CA ALA A 149 10.82 4.33 -12.98
C ALA A 149 10.37 4.74 -11.58
N ARG A 150 9.54 3.92 -10.96
CA ARG A 150 9.36 3.99 -9.52
C ARG A 150 10.19 2.88 -8.87
N VAL A 151 10.97 3.23 -7.85
CA VAL A 151 11.69 2.28 -6.99
C VAL A 151 11.08 2.22 -5.60
N LYS A 152 10.88 1.00 -5.09
CA LYS A 152 10.26 0.80 -3.78
C LYS A 152 10.75 -0.51 -3.18
N ILE A 153 10.66 -0.58 -1.84
CA ILE A 153 11.05 -1.76 -1.09
C ILE A 153 9.83 -2.67 -0.97
N MET A 154 10.02 -3.96 -1.23
CA MET A 154 8.90 -4.89 -1.12
C MET A 154 8.41 -4.94 0.31
N ASP A 155 7.11 -4.71 0.51
CA ASP A 155 6.48 -4.79 1.84
C ASP A 155 5.59 -6.02 1.94
N ASP A 156 4.81 -6.10 3.03
CA ASP A 156 3.98 -7.28 3.29
C ASP A 156 2.97 -7.55 2.17
N GLU A 157 2.40 -6.50 1.59
CA GLU A 157 1.44 -6.74 0.53
C GLU A 157 2.14 -7.27 -0.73
N GLU A 158 3.34 -6.77 -1.02
CA GLU A 158 3.99 -7.29 -2.21
C GLU A 158 4.61 -8.66 -1.99
N PHE A 159 5.09 -8.95 -0.76
CA PHE A 159 5.47 -10.32 -0.49
C PHE A 159 4.28 -11.26 -0.63
N ALA A 160 3.09 -10.85 -0.15
CA ALA A 160 1.89 -11.68 -0.27
C ALA A 160 1.50 -11.86 -1.74
N TYR A 161 1.62 -10.80 -2.54
CA TYR A 161 1.26 -10.89 -3.94
C TYR A 161 2.19 -11.84 -4.67
N CYS A 162 3.48 -11.71 -4.38
CA CYS A 162 4.49 -12.56 -4.97
C CYS A 162 4.26 -14.01 -4.63
N TRP A 163 4.02 -14.28 -3.34
CA TRP A 163 3.75 -15.64 -2.88
C TRP A 163 2.57 -16.23 -3.63
N GLU A 164 1.49 -15.44 -3.74
CA GLU A 164 0.28 -15.90 -4.39
C GLU A 164 0.51 -16.20 -5.86
N ASN A 165 1.38 -15.45 -6.52
CA ASN A 165 1.38 -15.57 -7.97
C ASN A 165 2.60 -16.23 -8.57
N PHE A 166 3.72 -16.31 -7.86
CA PHE A 166 4.97 -16.80 -8.45
C PHE A 166 5.57 -17.96 -7.68
N VAL A 167 5.00 -18.34 -6.53
CA VAL A 167 5.53 -19.39 -5.66
C VAL A 167 4.59 -20.60 -5.68
N ASP A 168 5.19 -21.79 -5.62
CA ASP A 168 4.44 -23.03 -5.43
C ASP A 168 4.02 -23.13 -3.96
N SER A 169 3.04 -22.30 -3.60
CA SER A 169 2.66 -22.14 -2.22
C SER A 169 1.91 -23.37 -1.70
N GLU A 170 1.09 -23.98 -2.55
CA GLU A 170 0.32 -25.18 -2.18
C GLU A 170 -0.56 -24.92 -0.96
N GLY A 171 -1.13 -23.72 -0.89
CA GLY A 171 -2.09 -23.38 0.13
C GLY A 171 -1.55 -22.90 1.46
N GLN A 172 -0.23 -22.99 1.68
CA GLN A 172 0.35 -22.33 2.85
C GLN A 172 0.37 -20.83 2.63
N PRO A 173 0.26 -20.05 3.68
CA PRO A 173 0.54 -18.62 3.58
C PRO A 173 2.03 -18.37 3.71
N PHE A 174 2.44 -17.15 3.33
CA PHE A 174 3.81 -16.71 3.57
C PHE A 174 3.98 -16.48 5.06
N MET A 175 5.03 -17.07 5.65
CA MET A 175 5.38 -16.85 7.05
C MET A 175 6.65 -16.01 7.18
N PRO A 176 6.58 -14.76 7.57
CA PRO A 176 7.80 -13.93 7.66
C PRO A 176 8.84 -14.51 8.62
N TRP A 177 10.11 -14.35 8.22
CA TRP A 177 11.27 -14.72 9.03
C TRP A 177 11.54 -13.65 10.10
N TYR A 178 12.30 -14.06 11.12
CA TYR A 178 12.86 -13.16 12.15
C TYR A 178 13.32 -11.84 11.57
N LYS A 179 12.91 -10.76 12.24
CA LYS A 179 13.28 -9.38 11.95
C LYS A 179 12.78 -8.93 10.59
N PHE A 180 11.77 -9.61 10.04
CA PHE A 180 11.19 -9.15 8.78
C PHE A 180 10.82 -7.67 8.85
N ASP A 181 10.11 -7.27 9.92
CA ASP A 181 9.59 -5.90 9.98
C ASP A 181 10.69 -4.88 10.27
N ASP A 182 11.66 -5.19 11.12
CA ASP A 182 12.76 -4.26 11.34
C ASP A 182 13.58 -4.08 10.05
N ASN A 183 13.85 -5.20 9.36
CA ASN A 183 14.60 -5.14 8.11
C ASN A 183 13.91 -4.20 7.15
N TYR A 184 12.61 -4.45 6.93
CA TYR A 184 11.84 -3.61 6.02
C TYR A 184 11.90 -2.14 6.44
N ALA A 185 11.72 -1.88 7.74
CA ALA A 185 11.66 -0.48 8.18
C ALA A 185 12.95 0.24 7.85
N PHE A 186 14.08 -0.38 8.14
CA PHE A 186 15.37 0.22 7.81
C PHE A 186 15.50 0.44 6.30
N LEU A 187 15.16 -0.60 5.50
CA LEU A 187 15.27 -0.47 4.04
C LEU A 187 14.44 0.70 3.53
N HIS A 188 13.19 0.80 4.01
CA HIS A 188 12.23 1.83 3.56
C HIS A 188 12.66 3.22 4.00
N ARG A 189 13.16 3.38 5.24
CA ARG A 189 13.74 4.66 5.69
C ARG A 189 14.89 5.09 4.79
N THR A 190 15.83 4.17 4.57
CA THR A 190 17.01 4.45 3.74
C THR A 190 16.62 4.81 2.31
N LEU A 191 15.68 4.08 1.71
CA LEU A 191 15.30 4.36 0.34
C LEU A 191 14.58 5.70 0.24
N LYS A 192 13.76 6.05 1.24
CA LYS A 192 13.14 7.36 1.14
C LYS A 192 14.15 8.47 1.35
N GLU A 193 15.26 8.24 2.07
CA GLU A 193 16.28 9.31 2.06
C GLU A 193 16.96 9.41 0.71
N ILE A 194 17.29 8.26 0.11
CA ILE A 194 17.96 8.25 -1.19
C ILE A 194 17.12 8.98 -2.23
N LEU A 195 15.82 8.75 -2.23
CA LEU A 195 14.95 9.32 -3.26
C LEU A 195 14.60 10.76 -2.98
N ARG A 196 14.73 11.20 -1.72
CA ARG A 196 14.43 12.57 -1.33
C ARG A 196 15.37 13.55 -2.02
N ASN A 197 14.81 14.64 -2.56
CA ASN A 197 15.59 15.60 -3.34
C ASN A 197 15.10 17.06 -3.23
N ARG B 13 -19.20 19.04 -1.32
CA ARG B 13 -17.82 18.57 -1.46
C ARG B 13 -16.93 19.25 -0.41
N ASN B 14 -15.61 18.98 -0.48
CA ASN B 14 -14.58 19.32 0.51
C ASN B 14 -15.01 20.31 1.61
N THR B 15 -15.10 19.82 2.85
CA THR B 15 -15.43 20.59 4.04
C THR B 15 -14.34 20.43 5.10
N VAL B 16 -13.13 20.08 4.68
CA VAL B 16 -12.02 19.86 5.59
C VAL B 16 -11.70 21.14 6.37
N GLU B 17 -11.58 21.01 7.67
CA GLU B 17 -10.95 22.01 8.50
C GLU B 17 -9.67 21.36 9.00
N ARG B 18 -8.54 21.85 8.48
CA ARG B 18 -7.25 21.25 8.78
C ARG B 18 -6.92 21.44 10.25
N MET B 19 -6.40 20.38 10.88
CA MET B 19 -6.01 20.46 12.27
C MET B 19 -4.56 20.94 12.39
N ASP B 20 -4.18 21.33 13.59
CA ASP B 20 -2.79 21.67 13.85
C ASP B 20 -1.89 20.45 13.80
N ARG B 21 -0.60 20.72 13.63
CA ARG B 21 0.39 19.64 13.54
C ARG B 21 0.46 18.83 14.82
N ASP B 22 0.52 19.50 15.98
CA ASP B 22 0.59 18.76 17.22
C ASP B 22 -0.75 18.13 17.62
N THR B 23 -1.88 18.75 17.25
CA THR B 23 -3.17 18.08 17.44
C THR B 23 -3.22 16.75 16.70
N PHE B 24 -2.65 16.72 15.49
CA PHE B 24 -2.58 15.49 14.70
C PHE B 24 -1.66 14.48 15.35
N SER B 25 -0.47 14.92 15.79
CA SER B 25 0.45 13.98 16.41
C SER B 25 -0.11 13.42 17.71
N TYR B 26 -0.89 14.20 18.45
CA TYR B 26 -1.54 13.69 19.64
C TYR B 26 -2.67 12.71 19.30
N ASN B 27 -3.51 13.01 18.31
CA ASN B 27 -4.70 12.18 18.10
C ASN B 27 -4.48 11.04 17.13
N PHE B 28 -3.29 10.87 16.59
CA PHE B 28 -3.02 9.73 15.73
C PHE B 28 -1.73 9.04 16.14
N TYR B 29 -1.25 9.31 17.35
CA TYR B 29 -0.15 8.55 17.95
C TYR B 29 -0.51 7.07 17.92
N ASN B 30 0.52 6.19 17.89
CA ASN B 30 0.21 4.77 17.67
C ASN B 30 0.94 3.81 18.62
N GLU B 31 1.22 4.23 19.84
CA GLU B 31 1.76 3.29 20.83
C GLU B 31 0.68 2.26 21.19
N PRO B 32 0.95 0.98 21.02
CA PRO B 32 -0.10 -0.06 21.15
C PRO B 32 -0.43 -0.43 22.59
N ILE B 33 -0.99 0.52 23.33
CA ILE B 33 -1.39 0.32 24.73
C ILE B 33 -2.68 -0.50 24.83
N LEU B 34 -3.07 -0.84 26.05
CA LEU B 34 -4.37 -1.44 26.31
C LEU B 34 -5.29 -0.34 26.82
N ALA B 35 -6.29 0.03 26.03
CA ALA B 35 -7.19 1.10 26.44
C ALA B 35 -8.53 0.98 25.73
N ARG B 36 -9.56 1.50 26.39
CA ARG B 36 -10.89 1.66 25.79
C ARG B 36 -11.11 3.16 25.61
N ARG B 37 -10.76 3.68 24.42
CA ARG B 37 -11.03 5.06 24.09
C ARG B 37 -11.68 5.15 22.72
N ASN B 38 -12.25 6.32 22.44
CA ASN B 38 -12.98 6.52 21.20
C ASN B 38 -12.46 7.78 20.53
N THR B 39 -12.25 7.68 19.21
CA THR B 39 -11.61 8.75 18.48
C THR B 39 -12.42 10.04 18.61
N VAL B 40 -11.71 11.17 18.66
CA VAL B 40 -12.36 12.47 18.65
C VAL B 40 -12.53 12.98 17.22
N TRP B 41 -11.49 12.88 16.42
CA TRP B 41 -11.51 13.24 15.03
C TRP B 41 -11.83 12.01 14.20
N LEU B 42 -12.68 12.18 13.19
CA LEU B 42 -12.91 11.12 12.21
C LEU B 42 -12.78 11.79 10.85
N CYS B 43 -11.65 11.58 10.16
CA CYS B 43 -11.42 12.16 8.84
C CYS B 43 -11.91 11.21 7.74
N TYR B 44 -12.64 11.71 6.75
CA TYR B 44 -13.34 10.80 5.85
C TYR B 44 -13.24 11.26 4.41
N GLU B 45 -13.34 10.27 3.50
CA GLU B 45 -13.48 10.48 2.06
C GLU B 45 -14.59 9.59 1.50
N VAL B 46 -15.42 10.14 0.63
CA VAL B 46 -16.37 9.37 -0.18
C VAL B 46 -16.16 9.61 -1.67
N LYS B 47 -15.83 8.52 -2.37
CA LYS B 47 -15.83 8.52 -3.82
C LYS B 47 -16.97 7.65 -4.34
N THR B 48 -17.45 8.06 -5.52
CA THR B 48 -18.53 7.52 -6.33
C THR B 48 -18.02 6.48 -7.34
N LYS B 49 -16.92 6.80 -8.01
CA LYS B 49 -16.36 6.00 -9.10
C LYS B 49 -17.19 6.08 -10.37
N GLY B 50 -18.50 5.84 -10.25
CA GLY B 50 -19.43 5.88 -11.34
C GLY B 50 -20.75 5.26 -10.90
N PRO B 51 -21.86 5.58 -11.61
CA PRO B 51 -23.14 4.94 -11.28
C PRO B 51 -23.04 3.42 -11.33
N SER B 52 -22.61 2.92 -12.48
CA SER B 52 -22.24 1.52 -12.69
C SER B 52 -21.46 1.46 -13.99
N ARG B 53 -22.08 1.93 -15.08
CA ARG B 53 -21.33 2.26 -16.28
C ARG B 53 -20.58 3.57 -16.07
N PRO B 54 -19.33 3.66 -16.54
CA PRO B 54 -18.52 4.86 -16.25
C PRO B 54 -18.96 6.07 -17.06
N ARG B 55 -17.99 6.74 -17.70
CA ARG B 55 -18.21 7.92 -18.52
C ARG B 55 -18.85 9.05 -17.71
N LEU B 56 -18.05 10.07 -17.37
CA LEU B 56 -18.35 11.19 -16.46
C LEU B 56 -18.03 10.82 -15.03
N ASP B 57 -16.88 11.27 -14.51
CA ASP B 57 -16.54 11.05 -13.11
C ASP B 57 -15.67 12.20 -12.58
N ALA B 58 -15.71 12.38 -11.24
CA ALA B 58 -15.19 13.54 -10.53
C ALA B 58 -15.45 13.36 -9.04
N LYS B 59 -14.43 13.39 -8.21
CA LYS B 59 -14.57 13.09 -6.78
C LYS B 59 -15.63 13.98 -6.14
N ILE B 60 -16.34 13.42 -5.15
CA ILE B 60 -17.49 14.12 -4.60
C ILE B 60 -17.38 14.46 -3.10
N PHE B 61 -16.58 13.77 -2.28
CA PHE B 61 -16.63 14.19 -0.87
C PHE B 61 -15.35 13.95 -0.06
N ARG B 62 -15.05 14.92 0.81
CA ARG B 62 -13.97 14.80 1.78
C ARG B 62 -14.21 15.77 2.95
N GLY B 63 -14.02 15.28 4.19
CA GLY B 63 -14.36 16.09 5.36
C GLY B 63 -14.01 15.43 6.68
N GLN B 64 -14.66 15.86 7.77
CA GLN B 64 -14.42 15.25 9.07
C GLN B 64 -15.63 15.41 9.97
N VAL B 65 -15.74 14.51 10.98
CA VAL B 65 -16.76 14.65 12.02
C VAL B 65 -16.16 14.41 13.39
N TYR B 66 -16.84 14.95 14.38
CA TYR B 66 -16.35 15.01 15.74
C TYR B 66 -17.30 14.25 16.63
N SER B 67 -16.73 13.48 17.55
CA SER B 67 -17.52 12.87 18.59
C SER B 67 -18.16 13.99 19.41
N GLN B 68 -19.30 13.69 19.99
CA GLN B 68 -20.05 14.59 20.86
C GLN B 68 -20.33 13.88 22.16
N PRO B 69 -20.78 14.61 23.19
CA PRO B 69 -20.97 13.98 24.51
C PRO B 69 -21.81 12.72 24.51
N GLU B 70 -22.78 12.57 23.62
CA GLU B 70 -23.67 11.40 23.66
C GLU B 70 -23.68 10.64 22.33
N HIS B 71 -22.59 10.68 21.57
CA HIS B 71 -22.51 10.01 20.27
C HIS B 71 -21.07 9.89 19.83
N HIS B 72 -20.59 8.67 19.64
CA HIS B 72 -19.25 8.50 19.14
C HIS B 72 -19.17 8.98 17.68
N ALA B 73 -17.95 9.34 17.26
CA ALA B 73 -17.79 9.96 15.95
C ALA B 73 -18.36 9.08 14.85
N GLU B 74 -18.11 7.75 14.93
CA GLU B 74 -18.64 6.78 13.96
C GLU B 74 -20.14 6.96 13.74
N MET B 75 -20.90 7.14 14.82
CA MET B 75 -22.35 7.25 14.69
C MET B 75 -22.75 8.60 14.11
N CYS B 76 -22.09 9.68 14.52
CA CYS B 76 -22.31 10.97 13.88
C CYS B 76 -22.07 10.89 12.38
N PHE B 77 -21.03 10.15 11.96
CA PHE B 77 -20.79 10.02 10.53
C PHE B 77 -21.94 9.29 9.85
N LEU B 78 -22.35 8.14 10.41
CA LEU B 78 -23.45 7.42 9.81
C LEU B 78 -24.67 8.31 9.65
N SER B 79 -24.96 9.11 10.69
CA SER B 79 -26.07 10.04 10.66
C SER B 79 -25.94 11.01 9.49
N TRP B 80 -24.82 11.73 9.42
CA TRP B 80 -24.63 12.70 8.35
C TRP B 80 -24.76 12.06 6.98
N PHE B 81 -24.21 10.85 6.82
CA PHE B 81 -24.20 10.17 5.55
C PHE B 81 -25.61 9.82 5.08
N CYS B 82 -26.45 9.31 6.01
CA CYS B 82 -27.82 8.95 5.67
C CYS B 82 -28.74 10.15 5.58
N GLY B 83 -28.35 11.30 6.15
CA GLY B 83 -29.09 12.52 5.91
C GLY B 83 -28.78 13.19 4.59
N ASN B 84 -27.56 13.00 4.06
CA ASN B 84 -27.27 13.58 2.75
C ASN B 84 -27.80 12.71 1.61
N GLN B 85 -27.23 11.52 1.45
CA GLN B 85 -27.49 10.75 0.24
C GLN B 85 -28.87 10.09 0.24
N LEU B 86 -29.37 9.91 -0.97
CA LEU B 86 -30.65 9.29 -1.31
C LEU B 86 -30.45 8.13 -2.27
N PRO B 87 -29.66 8.26 -3.39
CA PRO B 87 -29.70 7.23 -4.43
C PRO B 87 -29.13 5.89 -3.97
N ALA B 88 -30.00 5.00 -3.53
CA ALA B 88 -29.64 3.62 -3.22
C ALA B 88 -29.20 2.84 -4.46
N ASP B 89 -29.23 3.51 -5.62
CA ASP B 89 -28.89 2.95 -6.92
C ASP B 89 -27.47 3.29 -7.32
N LYS B 90 -26.79 4.13 -6.55
CA LYS B 90 -25.40 4.45 -6.77
C LYS B 90 -24.54 3.76 -5.73
N CYS B 91 -23.26 3.55 -6.06
CA CYS B 91 -22.36 2.83 -5.17
C CYS B 91 -21.34 3.77 -4.58
N PHE B 92 -21.08 3.60 -3.29
CA PHE B 92 -20.22 4.49 -2.51
C PHE B 92 -19.00 3.74 -1.98
N GLN B 93 -17.85 4.42 -2.02
CA GLN B 93 -16.66 3.92 -1.38
C GLN B 93 -16.23 4.93 -0.32
N ILE B 94 -16.28 4.51 0.95
CA ILE B 94 -16.00 5.38 2.08
C ILE B 94 -14.69 4.94 2.72
N THR B 95 -13.86 5.93 3.06
CA THR B 95 -12.62 5.72 3.80
C THR B 95 -12.63 6.59 5.06
N TRP B 96 -12.22 5.99 6.17
CA TRP B 96 -12.10 6.66 7.46
C TRP B 96 -10.65 6.64 7.93
N PHE B 97 -10.23 7.74 8.54
CA PHE B 97 -9.01 7.78 9.35
C PHE B 97 -9.40 8.13 10.78
N VAL B 98 -9.10 7.22 11.71
CA VAL B 98 -9.55 7.34 13.10
C VAL B 98 -8.40 7.01 14.05
N SER B 99 -8.49 7.57 15.25
CA SER B 99 -7.48 7.27 16.27
C SER B 99 -7.58 5.83 16.76
N TRP B 100 -8.77 5.26 16.78
CA TRP B 100 -8.93 3.90 17.27
C TRP B 100 -9.96 3.17 16.43
N THR B 101 -9.77 1.86 16.34
CA THR B 101 -10.82 1.00 15.86
C THR B 101 -12.02 1.17 16.77
N PRO B 102 -13.22 0.99 16.26
CA PRO B 102 -14.41 1.40 17.03
C PRO B 102 -14.79 0.38 18.11
N CYS B 103 -15.51 0.90 19.11
CA CYS B 103 -16.40 0.22 20.06
C CYS B 103 -16.88 -1.17 19.71
N PRO B 104 -17.22 -1.99 20.70
CA PRO B 104 -18.19 -3.04 20.40
C PRO B 104 -19.52 -2.46 19.91
N ASP B 105 -20.06 -1.43 20.56
CA ASP B 105 -21.34 -0.85 20.10
C ASP B 105 -21.24 -0.33 18.65
N CYS B 106 -20.23 0.47 18.37
CA CYS B 106 -20.10 1.01 17.02
C CYS B 106 -19.83 -0.08 16.00
N VAL B 107 -19.02 -1.08 16.37
CA VAL B 107 -18.79 -2.21 15.47
C VAL B 107 -20.12 -2.87 15.10
N ALA B 108 -20.93 -3.19 16.11
CA ALA B 108 -22.23 -3.82 15.87
C ALA B 108 -23.09 -2.96 14.94
N LYS B 109 -23.23 -1.66 15.27
CA LYS B 109 -24.11 -0.81 14.48
C LYS B 109 -23.56 -0.60 13.07
N LEU B 110 -22.23 -0.63 12.90
CA LEU B 110 -21.66 -0.52 11.57
C LEU B 110 -21.92 -1.77 10.74
N ALA B 111 -21.80 -2.96 11.34
CA ALA B 111 -22.12 -4.17 10.59
C ALA B 111 -23.58 -4.17 10.16
N GLU B 112 -24.47 -3.75 11.06
CA GLU B 112 -25.88 -3.62 10.71
C GLU B 112 -26.07 -2.66 9.53
N PHE B 113 -25.45 -1.47 9.60
CA PHE B 113 -25.58 -0.48 8.56
C PHE B 113 -25.10 -1.03 7.21
N LEU B 114 -23.92 -1.64 7.21
CA LEU B 114 -23.35 -2.18 5.98
C LEU B 114 -24.24 -3.26 5.37
N ALA B 115 -24.91 -4.05 6.22
CA ALA B 115 -25.81 -5.06 5.67
C ALA B 115 -27.06 -4.42 5.08
N GLU B 116 -27.51 -3.30 5.66
CA GLU B 116 -28.68 -2.59 5.15
C GLU B 116 -28.35 -1.71 3.94
N HIS B 117 -27.09 -1.40 3.69
CA HIS B 117 -26.68 -0.51 2.60
C HIS B 117 -25.59 -1.22 1.78
N PRO B 118 -25.96 -2.24 1.02
CA PRO B 118 -24.96 -2.96 0.22
C PRO B 118 -24.29 -2.15 -0.89
N ASN B 119 -24.79 -0.97 -1.25
CA ASN B 119 -24.08 -0.19 -2.26
C ASN B 119 -22.74 0.31 -1.74
N VAL B 120 -22.63 0.51 -0.42
CA VAL B 120 -21.51 1.22 0.19
C VAL B 120 -20.51 0.20 0.70
N THR B 121 -19.23 0.51 0.52
CA THR B 121 -18.19 -0.25 1.19
C THR B 121 -17.32 0.70 2.00
N LEU B 122 -16.81 0.19 3.11
CA LEU B 122 -16.17 1.02 4.12
C LEU B 122 -14.78 0.47 4.42
N THR B 123 -13.79 1.34 4.36
CA THR B 123 -12.44 0.98 4.79
C THR B 123 -12.09 1.89 5.95
N ILE B 124 -11.73 1.27 7.08
CA ILE B 124 -11.38 1.98 8.31
C ILE B 124 -9.88 1.85 8.52
N SER B 125 -9.17 3.00 8.60
CA SER B 125 -7.75 3.07 8.91
C SER B 125 -7.57 3.67 10.29
N ALA B 126 -7.08 2.85 11.21
CA ALA B 126 -6.98 3.25 12.61
C ALA B 126 -5.51 3.40 12.96
N ALA B 127 -5.21 4.44 13.75
CA ALA B 127 -3.84 4.63 14.20
C ALA B 127 -3.42 3.51 15.15
N ARG B 128 -4.31 3.10 16.06
CA ARG B 128 -4.05 1.93 16.91
C ARG B 128 -5.37 1.26 17.26
N LEU B 129 -5.26 0.19 18.06
CA LEU B 129 -6.34 -0.76 18.32
C LEU B 129 -7.09 -0.44 19.61
N TYR B 130 -8.41 -0.60 19.57
CA TYR B 130 -9.23 -0.65 20.78
C TYR B 130 -8.95 -1.97 21.52
N TYR B 131 -9.03 -1.91 22.86
CA TYR B 131 -8.62 -3.02 23.76
C TYR B 131 -8.50 -4.37 23.06
N TYR B 132 -7.32 -4.67 22.52
CA TYR B 132 -7.12 -5.75 21.56
C TYR B 132 -7.13 -7.15 22.19
N SER B 133 -7.35 -7.28 23.49
CA SER B 133 -7.17 -8.56 24.14
C SER B 133 -8.44 -9.23 24.66
N GLU B 134 -9.60 -8.59 24.52
CA GLU B 134 -10.88 -9.21 24.85
C GLU B 134 -11.39 -10.06 23.67
N ARG B 135 -11.80 -11.29 23.96
CA ARG B 135 -12.27 -12.20 22.92
C ARG B 135 -13.51 -11.65 22.24
N ASP B 136 -14.43 -11.04 23.00
CA ASP B 136 -15.65 -10.52 22.39
C ASP B 136 -15.34 -9.39 21.41
N TYR B 137 -14.35 -8.55 21.72
CA TYR B 137 -13.96 -7.50 20.78
C TYR B 137 -13.27 -8.08 19.55
N ARG B 138 -12.30 -8.98 19.75
CA ARG B 138 -11.61 -9.55 18.60
C ARG B 138 -12.61 -10.21 17.65
N ARG B 139 -13.60 -10.92 18.21
CA ARG B 139 -14.59 -11.57 17.37
C ARG B 139 -15.53 -10.57 16.70
N ALA B 140 -15.90 -9.47 17.40
CA ALA B 140 -16.75 -8.46 16.76
C ALA B 140 -16.03 -7.84 15.57
N LEU B 141 -14.75 -7.53 15.75
CA LEU B 141 -13.96 -6.97 14.67
C LEU B 141 -13.93 -7.93 13.50
N CYS B 142 -13.79 -9.23 13.80
CA CYS B 142 -13.81 -10.25 12.77
C CYS B 142 -15.13 -10.22 12.00
N ARG B 143 -16.25 -10.20 12.72
CA ARG B 143 -17.56 -10.20 12.06
C ARG B 143 -17.78 -8.97 11.20
N LEU B 144 -17.33 -7.81 11.68
CA LEU B 144 -17.46 -6.58 10.89
C LEU B 144 -16.63 -6.66 9.61
N SER B 145 -15.40 -7.19 9.69
CA SER B 145 -14.61 -7.33 8.48
C SER B 145 -15.19 -8.38 7.55
N GLN B 146 -16.02 -9.28 8.08
CA GLN B 146 -16.69 -10.23 7.22
C GLN B 146 -18.01 -9.69 6.71
N ALA B 147 -18.42 -8.53 7.17
CA ALA B 147 -19.60 -7.91 6.57
C ALA B 147 -19.21 -7.01 5.41
N GLY B 148 -17.94 -7.02 5.01
CA GLY B 148 -17.49 -6.18 3.92
C GLY B 148 -16.63 -4.94 4.24
N ALA B 149 -16.08 -4.82 5.43
CA ALA B 149 -15.29 -3.65 5.79
C ALA B 149 -13.81 -3.98 5.84
N ARG B 150 -13.00 -3.16 5.18
CA ARG B 150 -11.54 -3.29 5.26
C ARG B 150 -11.07 -2.63 6.55
N VAL B 151 -10.91 -3.44 7.60
CA VAL B 151 -10.35 -2.97 8.87
C VAL B 151 -8.84 -3.13 8.82
N LYS B 152 -8.17 -2.08 9.24
CA LYS B 152 -6.87 -1.72 8.71
C LYS B 152 -6.11 -0.84 9.67
N ILE B 153 -4.78 -0.99 9.69
CA ILE B 153 -3.96 -0.13 10.51
C ILE B 153 -3.25 0.92 9.66
N MET B 154 -3.29 2.17 10.14
CA MET B 154 -2.64 3.25 9.40
C MET B 154 -1.13 3.02 9.32
N ASP B 155 -0.59 3.07 8.10
CA ASP B 155 0.85 2.92 7.87
C ASP B 155 1.47 4.24 7.42
N ASP B 156 2.73 4.16 6.98
CA ASP B 156 3.45 5.37 6.56
C ASP B 156 2.72 6.09 5.44
N GLU B 157 2.12 5.34 4.50
CA GLU B 157 1.47 5.96 3.35
C GLU B 157 0.20 6.69 3.76
N GLU B 158 -0.58 6.11 4.66
CA GLU B 158 -1.77 6.81 5.11
C GLU B 158 -1.45 7.91 6.09
N PHE B 159 -0.39 7.76 6.89
CA PHE B 159 0.03 8.88 7.72
C PHE B 159 0.42 10.06 6.85
N ALA B 160 1.19 9.82 5.78
CA ALA B 160 1.56 10.91 4.87
C ALA B 160 0.34 11.49 4.17
N TYR B 161 -0.63 10.64 3.82
CA TYR B 161 -1.85 11.12 3.17
C TYR B 161 -2.66 12.05 4.08
N CYS B 162 -2.86 11.64 5.33
CA CYS B 162 -3.58 12.46 6.30
C CYS B 162 -2.85 13.77 6.56
N TRP B 163 -1.53 13.71 6.74
CA TRP B 163 -0.74 14.91 6.89
C TRP B 163 -0.99 15.84 5.71
N GLU B 164 -0.95 15.30 4.50
CA GLU B 164 -1.13 16.12 3.32
C GLU B 164 -2.52 16.73 3.26
N ASN B 165 -3.55 15.99 3.68
CA ASN B 165 -4.91 16.40 3.31
C ASN B 165 -5.79 16.92 4.45
N PHE B 166 -5.47 16.64 5.71
CA PHE B 166 -6.30 17.03 6.83
C PHE B 166 -5.54 17.86 7.85
N VAL B 167 -4.25 18.05 7.65
CA VAL B 167 -3.41 18.76 8.61
C VAL B 167 -2.99 20.09 8.02
N ASP B 168 -2.87 21.09 8.90
CA ASP B 168 -2.28 22.37 8.55
C ASP B 168 -0.77 22.21 8.46
N SER B 169 -0.33 21.49 7.42
CA SER B 169 1.06 21.10 7.32
C SER B 169 1.95 22.27 6.92
N GLU B 170 1.45 23.16 6.06
CA GLU B 170 2.20 24.32 5.61
C GLU B 170 3.49 23.91 4.92
N GLY B 171 3.44 22.81 4.18
CA GLY B 171 4.57 22.41 3.38
C GLY B 171 5.65 21.62 4.10
N GLN B 172 5.61 21.53 5.43
CA GLN B 172 6.53 20.68 6.16
C GLN B 172 6.22 19.20 5.92
N PRO B 173 7.22 18.34 5.97
CA PRO B 173 6.95 16.90 5.91
C PRO B 173 6.56 16.32 7.27
N PHE B 174 5.95 15.13 7.19
CA PHE B 174 5.62 14.37 8.38
C PHE B 174 6.87 13.75 8.98
N MET B 175 7.09 13.96 10.28
CA MET B 175 8.21 13.34 10.98
C MET B 175 7.72 12.23 11.89
N PRO B 176 7.97 10.97 11.57
CA PRO B 176 7.54 9.90 12.46
C PRO B 176 8.18 10.04 13.84
N TRP B 177 7.38 9.78 14.88
CA TRP B 177 7.90 9.83 16.23
C TRP B 177 8.69 8.57 16.51
N TYR B 178 9.54 8.66 17.53
CA TYR B 178 10.24 7.50 18.13
C TYR B 178 9.34 6.27 18.18
N LYS B 179 9.89 5.13 17.77
CA LYS B 179 9.21 3.83 17.81
C LYS B 179 8.01 3.75 16.88
N PHE B 180 7.92 4.67 15.89
CA PHE B 180 6.81 4.62 14.95
C PHE B 180 6.67 3.25 14.32
N ASP B 181 7.78 2.71 13.81
CA ASP B 181 7.73 1.47 13.06
C ASP B 181 7.49 0.24 13.95
N ASP B 182 8.08 0.23 15.16
CA ASP B 182 7.84 -0.88 16.07
C ASP B 182 6.38 -0.91 16.51
N ASN B 183 5.83 0.28 16.82
CA ASN B 183 4.41 0.36 17.14
C ASN B 183 3.58 -0.20 16.00
N TYR B 184 3.83 0.29 14.79
CA TYR B 184 3.07 -0.13 13.63
C TYR B 184 3.13 -1.64 13.47
N ALA B 185 4.34 -2.22 13.58
CA ALA B 185 4.49 -3.66 13.34
C ALA B 185 3.69 -4.48 14.35
N PHE B 186 3.76 -4.11 15.63
CA PHE B 186 2.96 -4.83 16.62
C PHE B 186 1.47 -4.70 16.30
N LEU B 187 1.02 -3.49 16.02
CA LEU B 187 -0.40 -3.29 15.73
C LEU B 187 -0.83 -4.14 14.54
N HIS B 188 -0.01 -4.15 13.49
CA HIS B 188 -0.39 -4.80 12.23
C HIS B 188 -0.45 -6.32 12.36
N ARG B 189 0.56 -6.92 12.99
CA ARG B 189 0.47 -8.35 13.25
C ARG B 189 -0.69 -8.70 14.17
N THR B 190 -0.90 -7.94 15.26
CA THR B 190 -2.02 -8.24 16.15
C THR B 190 -3.36 -8.19 15.42
N LEU B 191 -3.56 -7.19 14.54
CA LEU B 191 -4.82 -7.08 13.83
C LEU B 191 -4.99 -8.20 12.81
N LYS B 192 -3.89 -8.63 12.18
CA LYS B 192 -4.03 -9.74 11.23
C LYS B 192 -4.26 -11.08 11.94
N GLU B 193 -3.75 -11.25 13.17
CA GLU B 193 -4.12 -12.46 13.90
C GLU B 193 -5.59 -12.39 14.30
N ILE B 194 -6.06 -11.21 14.67
CA ILE B 194 -7.46 -11.04 15.02
C ILE B 194 -8.35 -11.42 13.85
N LEU B 195 -7.96 -11.03 12.63
CA LEU B 195 -8.85 -11.23 11.50
C LEU B 195 -8.80 -12.65 10.95
N ARG B 196 -7.68 -13.35 11.09
CA ARG B 196 -7.58 -14.72 10.59
C ARG B 196 -8.49 -15.67 11.36
N ASN B 197 -9.20 -16.52 10.64
CA ASN B 197 -10.10 -17.52 11.23
C ASN B 197 -10.21 -18.78 10.34
#